data_4WWQ
#
_entry.id   4WWQ
#
_cell.length_a   84.000
_cell.length_b   84.000
_cell.length_c   75.950
_cell.angle_alpha   90.000
_cell.angle_beta   90.000
_cell.angle_gamma   120.000
#
_symmetry.space_group_name_H-M   'P 63'
#
loop_
_entity.id
_entity.type
_entity.pdbx_description
1 polymer 'Growth factor receptor-bound protein 7'
2 non-polymer 'MALONIC ACID'
3 water water
#
_entity_poly.entity_id   1
_entity_poly.type   'polypeptide(L)'
_entity_poly.pdbx_seq_one_letter_code
;GSPASGTSLSAAIHRTQLWFHGRISREESQRLIGQQGLVDGLFLVRESQRNPQGFVLSLCHLQKVKHYLILPSEEEGRLY
FSMDDGQTRFTDLLQLVEFHQLNRGILPCLLRHCCTRVAL
;
_entity_poly.pdbx_strand_id   A,B
#
loop_
_chem_comp.id
_chem_comp.type
_chem_comp.name
_chem_comp.formula
MLA non-polymer 'MALONIC ACID' 'C3 H4 O4'
#
# COMPACT_ATOMS: atom_id res chain seq x y z
N LEU A 9 25.47 5.65 3.96
CA LEU A 9 26.39 5.66 5.10
C LEU A 9 25.66 5.41 6.42
N SER A 10 24.40 4.99 6.32
CA SER A 10 23.55 4.69 7.47
C SER A 10 22.15 4.32 6.99
N ALA A 11 21.59 3.26 7.55
CA ALA A 11 20.25 2.80 7.16
C ALA A 11 19.13 3.76 7.58
N ALA A 12 19.46 4.73 8.43
CA ALA A 12 18.51 5.74 8.91
C ALA A 12 18.21 6.79 7.85
N ILE A 13 19.07 6.89 6.84
CA ILE A 13 18.95 7.98 5.88
C ILE A 13 17.68 7.82 5.05
N HIS A 14 17.49 6.63 4.50
CA HIS A 14 16.29 6.33 3.74
C HIS A 14 15.87 4.87 3.95
N ARG A 15 14.82 4.65 4.73
CA ARG A 15 14.40 3.30 5.02
C ARG A 15 13.47 2.83 3.91
N THR A 16 13.92 1.81 3.17
CA THR A 16 13.17 1.27 2.05
C THR A 16 12.62 -0.13 2.26
N GLN A 17 11.60 -0.46 1.48
CA GLN A 17 11.03 -1.79 1.42
C GLN A 17 10.58 -2.21 2.82
N LEU A 18 9.72 -1.40 3.43
CA LEU A 18 9.27 -1.62 4.81
C LEU A 18 8.49 -2.92 4.95
N TRP A 19 8.03 -3.46 3.84
CA TRP A 19 7.26 -4.71 3.84
C TRP A 19 8.18 -5.91 4.06
N PHE A 20 9.49 -5.69 3.98
CA PHE A 20 10.46 -6.76 4.19
C PHE A 20 11.05 -6.74 5.59
N HIS A 21 10.94 -7.85 6.32
CA HIS A 21 11.29 -7.87 7.74
C HIS A 21 12.55 -8.66 8.06
N GLY A 22 13.27 -9.11 7.04
CA GLY A 22 14.48 -9.86 7.33
C GLY A 22 14.23 -11.14 8.10
N ARG A 23 15.08 -11.41 9.08
CA ARG A 23 15.06 -12.70 9.76
C ARG A 23 14.15 -12.79 10.99
N ILE A 24 12.87 -12.49 10.83
CA ILE A 24 11.89 -12.70 11.90
C ILE A 24 11.25 -14.08 11.75
N SER A 25 10.71 -14.61 12.85
CA SER A 25 10.14 -15.95 12.86
C SER A 25 8.75 -16.02 12.26
N ARG A 26 8.31 -17.23 11.95
CA ARG A 26 6.96 -17.45 11.49
C ARG A 26 5.97 -16.97 12.55
N GLU A 27 6.23 -17.31 13.81
CA GLU A 27 5.36 -16.91 14.91
C GLU A 27 5.30 -15.38 15.03
N GLU A 28 6.44 -14.72 14.86
CA GLU A 28 6.50 -13.26 14.95
C GLU A 28 5.66 -12.64 13.82
N SER A 29 5.73 -13.22 12.63
CA SER A 29 4.95 -12.68 11.50
C SER A 29 3.46 -12.74 11.81
N GLN A 30 3.03 -13.82 12.44
CA GLN A 30 1.62 -13.97 12.81
C GLN A 30 1.22 -13.01 13.93
N ARG A 31 2.12 -12.78 14.88
CA ARG A 31 1.86 -11.82 15.93
C ARG A 31 1.67 -10.42 15.35
N LEU A 32 2.60 -10.03 14.47
CA LEU A 32 2.55 -8.71 13.83
C LEU A 32 1.28 -8.49 13.04
N ILE A 33 0.94 -9.44 12.18
CA ILE A 33 -0.26 -9.36 11.38
C ILE A 33 -1.52 -9.34 12.26
N GLY A 34 -1.51 -10.13 13.33
CA GLY A 34 -2.63 -10.15 14.27
C GLY A 34 -2.82 -8.82 14.97
N GLN A 35 -1.72 -8.19 15.36
CA GLN A 35 -1.78 -6.93 16.08
C GLN A 35 -2.38 -5.84 15.19
N GLN A 36 -2.21 -6.01 13.88
CA GLN A 36 -2.69 -5.02 12.93
C GLN A 36 -4.11 -5.31 12.40
N GLY A 37 -4.74 -6.36 12.90
CA GLY A 37 -6.16 -6.51 12.63
C GLY A 37 -6.64 -7.72 11.85
N LEU A 38 -5.71 -8.56 11.41
CA LEU A 38 -6.09 -9.72 10.61
C LEU A 38 -6.94 -9.30 9.42
N VAL A 39 -6.53 -8.23 8.75
CA VAL A 39 -7.27 -7.73 7.60
C VAL A 39 -6.89 -8.50 6.34
N ASP A 40 -7.88 -8.73 5.47
CA ASP A 40 -7.60 -9.41 4.19
C ASP A 40 -6.53 -8.66 3.42
N GLY A 41 -5.53 -9.39 2.95
CA GLY A 41 -4.53 -8.79 2.08
C GLY A 41 -3.35 -8.20 2.82
N LEU A 42 -3.43 -8.13 4.14
CA LEU A 42 -2.30 -7.69 4.96
C LEU A 42 -1.15 -8.67 4.80
N PHE A 43 0.06 -8.16 4.61
CA PHE A 43 1.20 -9.05 4.34
C PHE A 43 2.54 -8.50 4.80
N LEU A 44 3.52 -9.39 4.82
CA LEU A 44 4.93 -9.02 4.90
C LEU A 44 5.76 -10.10 4.22
N VAL A 45 7.02 -9.80 3.95
CA VAL A 45 7.95 -10.78 3.41
C VAL A 45 9.14 -10.89 4.36
N ARG A 46 9.63 -12.10 4.54
CA ARG A 46 10.73 -12.35 5.47
C ARG A 46 11.62 -13.48 4.95
N GLU A 47 12.72 -13.75 5.64
CA GLU A 47 13.57 -14.89 5.29
C GLU A 47 12.93 -16.13 5.86
N SER A 48 13.07 -17.24 5.15
CA SER A 48 12.78 -18.55 5.72
C SER A 48 13.61 -18.84 6.96
N GLN A 49 12.95 -19.32 8.01
CA GLN A 49 13.62 -19.76 9.23
C GLN A 49 14.45 -21.03 9.00
N ARG A 50 14.16 -21.76 7.93
CA ARG A 50 14.65 -23.13 7.82
C ARG A 50 15.58 -23.44 6.66
N ASN A 51 15.39 -22.80 5.50
CA ASN A 51 16.34 -22.94 4.41
C ASN A 51 17.05 -21.63 4.13
N PRO A 52 18.36 -21.67 3.91
CA PRO A 52 19.07 -20.39 3.91
C PRO A 52 18.82 -19.55 2.67
N GLN A 53 18.44 -20.16 1.55
CA GLN A 53 18.14 -19.39 0.34
C GLN A 53 16.68 -18.93 0.19
N GLY A 54 15.79 -19.34 1.07
CA GLY A 54 14.39 -19.04 0.84
C GLY A 54 13.85 -17.77 1.50
N PHE A 55 12.73 -17.30 0.97
CA PHE A 55 11.97 -16.21 1.58
C PHE A 55 10.54 -16.68 1.72
N VAL A 56 9.80 -15.96 2.56
CA VAL A 56 8.41 -16.32 2.83
C VAL A 56 7.51 -15.10 2.71
N LEU A 57 6.44 -15.25 1.95
CA LEU A 57 5.37 -14.27 1.92
C LEU A 57 4.31 -14.69 2.94
N SER A 58 4.13 -13.88 3.97
CA SER A 58 3.13 -14.16 5.00
C SER A 58 1.93 -13.25 4.77
N LEU A 59 0.77 -13.84 4.51
CA LEU A 59 -0.38 -13.10 4.00
C LEU A 59 -1.63 -13.50 4.77
N CYS A 60 -2.43 -12.52 5.17
CA CYS A 60 -3.68 -12.81 5.88
C CYS A 60 -4.87 -12.87 4.93
N HIS A 61 -5.68 -13.92 5.06
CA HIS A 61 -6.92 -14.01 4.30
C HIS A 61 -7.93 -14.79 5.12
N LEU A 62 -9.13 -14.24 5.24
CA LEU A 62 -10.21 -14.84 6.03
C LEU A 62 -9.75 -15.14 7.45
N GLN A 63 -9.04 -14.16 8.03
CA GLN A 63 -8.59 -14.18 9.41
C GLN A 63 -7.60 -15.33 9.71
N LYS A 64 -6.92 -15.81 8.66
CA LYS A 64 -5.87 -16.80 8.84
C LYS A 64 -4.62 -16.37 8.11
N VAL A 65 -3.48 -16.49 8.77
CA VAL A 65 -2.21 -16.19 8.11
C VAL A 65 -1.65 -17.42 7.44
N LYS A 66 -1.34 -17.29 6.15
CA LYS A 66 -0.72 -18.39 5.40
C LYS A 66 0.60 -17.93 4.84
N HIS A 67 1.48 -18.89 4.61
CA HIS A 67 2.88 -18.62 4.30
C HIS A 67 3.27 -19.28 2.99
N TYR A 68 3.77 -18.49 2.05
CA TYR A 68 4.06 -18.95 0.70
C TYR A 68 5.56 -18.86 0.48
N LEU A 69 6.18 -19.99 0.11
CA LEU A 69 7.64 -20.02 -0.06
C LEU A 69 8.05 -19.37 -1.39
N ILE A 70 9.05 -18.52 -1.32
CA ILE A 70 9.63 -17.88 -2.49
C ILE A 70 11.07 -18.36 -2.67
N LEU A 71 11.36 -18.97 -3.81
CA LEU A 71 12.66 -19.62 -4.02
C LEU A 71 13.41 -19.09 -5.24
N PRO A 72 14.74 -19.04 -5.17
CA PRO A 72 15.56 -18.61 -6.29
C PRO A 72 15.78 -19.74 -7.28
N SER A 73 15.80 -19.41 -8.57
CA SER A 73 16.21 -20.32 -9.64
C SER A 73 17.07 -19.58 -10.64
N GLU A 74 17.73 -20.33 -11.51
CA GLU A 74 18.53 -19.78 -12.60
C GLU A 74 18.00 -20.25 -13.96
N GLU A 75 17.87 -19.32 -14.90
CA GLU A 75 17.52 -19.67 -16.27
C GLU A 75 18.53 -19.00 -17.18
N GLU A 76 19.29 -19.82 -17.90
CA GLU A 76 20.37 -19.34 -18.76
C GLU A 76 21.33 -18.54 -17.90
N GLY A 77 21.59 -19.04 -16.69
CA GLY A 77 22.49 -18.39 -15.76
C GLY A 77 21.95 -17.09 -15.19
N ARG A 78 20.70 -16.77 -15.47
CA ARG A 78 20.12 -15.55 -14.91
C ARG A 78 19.17 -15.89 -13.78
N LEU A 79 19.18 -15.04 -12.77
CA LEU A 79 18.49 -15.34 -11.54
C LEU A 79 17.07 -14.81 -11.52
N TYR A 80 16.16 -15.63 -11.01
CA TYR A 80 14.80 -15.17 -10.73
C TYR A 80 14.25 -15.80 -9.46
N PHE A 81 13.13 -15.26 -8.98
CA PHE A 81 12.46 -15.76 -7.79
C PHE A 81 11.04 -16.16 -8.16
N SER A 82 10.54 -17.22 -7.55
CA SER A 82 9.23 -17.73 -7.90
C SER A 82 8.59 -18.49 -6.76
N MET A 83 7.26 -18.42 -6.68
CA MET A 83 6.50 -19.21 -5.72
C MET A 83 5.89 -20.48 -6.33
N ASP A 84 5.94 -20.57 -7.65
CA ASP A 84 5.27 -21.66 -8.36
C ASP A 84 6.17 -22.43 -9.33
N ASP A 85 7.40 -22.72 -8.89
CA ASP A 85 8.28 -23.58 -9.66
C ASP A 85 8.61 -22.96 -11.03
N GLY A 86 8.68 -21.63 -11.07
CA GLY A 86 9.12 -20.94 -12.27
C GLY A 86 8.05 -20.66 -13.31
N GLN A 87 6.79 -20.97 -13.00
CA GLN A 87 5.70 -20.64 -13.91
C GLN A 87 5.50 -19.12 -13.99
N THR A 88 5.71 -18.44 -12.86
CA THR A 88 5.65 -16.98 -12.80
C THR A 88 6.95 -16.50 -12.18
N ARG A 89 7.72 -15.68 -12.91
CA ARG A 89 9.07 -15.34 -12.47
C ARG A 89 9.27 -13.86 -12.19
N PHE A 90 10.12 -13.57 -11.20
CA PHE A 90 10.37 -12.19 -10.80
C PHE A 90 11.85 -11.92 -10.61
N THR A 91 12.26 -10.72 -10.99
CA THR A 91 13.65 -10.31 -10.90
C THR A 91 14.10 -10.20 -9.44
N ASP A 92 13.18 -9.78 -8.59
CA ASP A 92 13.46 -9.57 -7.17
C ASP A 92 12.16 -9.59 -6.38
N LEU A 93 12.27 -9.47 -5.06
CA LEU A 93 11.09 -9.62 -4.20
C LEU A 93 10.13 -8.46 -4.40
N LEU A 94 10.67 -7.27 -4.64
CA LEU A 94 9.84 -6.08 -4.90
C LEU A 94 8.91 -6.31 -6.10
N GLN A 95 9.46 -6.83 -7.20
CA GLN A 95 8.61 -7.04 -8.38
C GLN A 95 7.50 -8.05 -8.10
N LEU A 96 7.83 -9.09 -7.35
CA LEU A 96 6.85 -10.11 -6.96
C LEU A 96 5.71 -9.48 -6.16
N VAL A 97 6.07 -8.67 -5.15
CA VAL A 97 5.04 -8.05 -4.32
C VAL A 97 4.16 -7.09 -5.13
N GLU A 98 4.79 -6.25 -5.95
CA GLU A 98 4.00 -5.29 -6.74
C GLU A 98 3.09 -6.00 -7.75
N PHE A 99 3.55 -7.11 -8.31
CA PHE A 99 2.70 -7.89 -9.23
C PHE A 99 1.44 -8.39 -8.52
N HIS A 100 1.60 -8.86 -7.29
CA HIS A 100 0.49 -9.47 -6.57
C HIS A 100 -0.38 -8.44 -5.83
N GLN A 101 -0.01 -7.17 -5.92
CA GLN A 101 -0.93 -6.09 -5.56
C GLN A 101 -1.94 -5.84 -6.69
N LEU A 102 -1.65 -6.39 -7.87
CA LEU A 102 -2.53 -6.23 -9.04
C LEU A 102 -3.15 -7.52 -9.54
N ASN A 103 -2.50 -8.65 -9.26
CA ASN A 103 -2.94 -9.98 -9.68
C ASN A 103 -2.86 -10.98 -8.55
N ARG A 104 -3.92 -11.73 -8.27
CA ARG A 104 -3.79 -12.66 -7.14
C ARG A 104 -2.90 -13.84 -7.49
N GLY A 105 -2.89 -14.27 -8.76
CA GLY A 105 -2.08 -15.42 -9.15
C GLY A 105 -2.41 -16.64 -8.31
N ILE A 106 -1.40 -17.27 -7.71
CA ILE A 106 -1.66 -18.46 -6.89
C ILE A 106 -2.21 -18.12 -5.50
N LEU A 107 -2.26 -16.83 -5.17
CA LEU A 107 -2.73 -16.38 -3.86
C LEU A 107 -4.25 -16.34 -3.79
N PRO A 108 -4.82 -16.47 -2.58
CA PRO A 108 -6.27 -16.48 -2.41
C PRO A 108 -6.90 -15.07 -2.49
N CYS A 109 -6.05 -14.04 -2.46
CA CYS A 109 -6.51 -12.66 -2.56
C CYS A 109 -5.34 -11.76 -2.92
N LEU A 110 -5.62 -10.52 -3.26
CA LEU A 110 -4.58 -9.56 -3.59
C LEU A 110 -3.79 -9.14 -2.36
N LEU A 111 -2.52 -8.80 -2.55
CA LEU A 111 -1.80 -8.15 -1.47
C LEU A 111 -2.32 -6.74 -1.42
N ARG A 112 -2.53 -6.23 -0.21
CA ARG A 112 -2.97 -4.86 -0.05
C ARG A 112 -1.98 -4.12 0.86
N HIS A 113 -2.30 -4.03 2.14
CA HIS A 113 -1.46 -3.30 3.09
C HIS A 113 -0.34 -4.19 3.60
N CYS A 114 0.80 -3.60 3.95
CA CYS A 114 1.85 -4.37 4.59
C CYS A 114 2.00 -4.00 6.06
N CYS A 115 2.46 -4.96 6.86
CA CYS A 115 3.01 -4.62 8.17
C CYS A 115 4.38 -4.08 7.94
N THR A 116 4.76 -3.01 8.64
CA THR A 116 6.06 -2.45 8.36
C THR A 116 7.08 -3.01 9.35
N ARG A 117 8.33 -3.06 8.88
CA ARG A 117 9.45 -3.60 9.62
C ARG A 117 9.74 -2.82 10.89
N VAL A 118 10.04 -3.54 11.97
CA VAL A 118 10.37 -2.88 13.23
C VAL A 118 11.84 -2.46 13.25
N ALA A 119 12.70 -3.29 12.69
CA ALA A 119 14.11 -2.96 12.57
C ALA A 119 14.34 -1.81 11.60
N LEU A 120 15.47 -1.13 11.77
CA LEU A 120 15.82 -0.02 10.90
C LEU A 120 15.88 -0.46 9.44
N SER B 2 -12.92 -0.64 -21.95
CA SER B 2 -13.99 -0.43 -20.98
C SER B 2 -14.31 1.06 -20.80
N PRO B 3 -13.28 1.92 -20.64
CA PRO B 3 -13.55 3.35 -20.51
C PRO B 3 -14.13 3.96 -21.79
N ALA B 4 -14.85 5.07 -21.64
CA ALA B 4 -15.47 5.73 -22.78
C ALA B 4 -14.41 6.23 -23.77
N SER B 5 -14.80 6.32 -25.04
CA SER B 5 -13.92 6.81 -26.10
C SER B 5 -13.40 8.20 -25.77
N GLY B 6 -12.10 8.41 -25.94
CA GLY B 6 -11.49 9.69 -25.67
C GLY B 6 -11.00 9.89 -24.25
N THR B 7 -11.06 8.84 -23.43
CA THR B 7 -10.58 8.93 -22.05
C THR B 7 -9.06 9.04 -22.01
N SER B 8 -8.54 9.84 -21.08
CA SER B 8 -7.09 9.99 -20.93
C SER B 8 -6.46 8.74 -20.35
N LEU B 9 -5.46 8.22 -21.05
CA LEU B 9 -4.75 7.01 -20.63
C LEU B 9 -3.38 7.35 -20.07
N SER B 10 -3.15 8.62 -19.76
CA SER B 10 -1.85 9.07 -19.24
C SER B 10 -1.35 8.28 -18.01
N ALA B 11 -2.24 7.62 -17.29
CA ALA B 11 -1.81 6.84 -16.12
C ALA B 11 -0.98 5.64 -16.53
N ALA B 12 -0.99 5.31 -17.83
CA ALA B 12 -0.18 4.20 -18.31
C ALA B 12 1.27 4.64 -18.41
N ILE B 13 1.43 5.94 -18.63
CA ILE B 13 2.71 6.58 -18.83
C ILE B 13 3.30 7.04 -17.51
N HIS B 14 2.42 7.62 -16.69
CA HIS B 14 2.80 8.19 -15.40
C HIS B 14 1.90 7.63 -14.33
N ARG B 15 2.52 6.78 -13.54
CA ARG B 15 1.89 5.93 -12.55
C ARG B 15 1.16 6.66 -11.43
N THR B 16 -0.10 6.29 -11.19
CA THR B 16 -0.80 6.81 -10.03
C THR B 16 -0.81 5.66 -9.02
N GLN B 17 -0.77 6.02 -7.74
CA GLN B 17 -0.85 5.07 -6.62
C GLN B 17 -2.13 4.27 -6.61
N LEU B 18 -2.07 3.02 -6.16
CA LEU B 18 -3.27 2.18 -6.17
C LEU B 18 -4.34 2.73 -5.25
N TRP B 19 -3.95 3.49 -4.23
CA TRP B 19 -4.94 4.09 -3.32
C TRP B 19 -5.61 5.35 -3.91
N PHE B 20 -5.14 5.78 -5.08
CA PHE B 20 -5.76 6.93 -5.74
C PHE B 20 -6.83 6.48 -6.75
N HIS B 21 -8.06 6.92 -6.51
CA HIS B 21 -9.23 6.41 -7.24
C HIS B 21 -10.00 7.39 -8.13
N GLY B 22 -9.45 8.55 -8.42
CA GLY B 22 -10.10 9.50 -9.32
C GLY B 22 -11.47 10.03 -8.90
N ARG B 23 -12.37 10.18 -9.86
CA ARG B 23 -13.63 10.88 -9.61
C ARG B 23 -14.77 9.96 -9.18
N ILE B 24 -14.52 9.14 -8.16
CA ILE B 24 -15.58 8.29 -7.64
C ILE B 24 -16.36 9.06 -6.60
N SER B 25 -17.60 8.64 -6.39
CA SER B 25 -18.48 9.34 -5.49
C SER B 25 -18.16 9.02 -4.04
N ARG B 26 -18.71 9.85 -3.15
CA ARG B 26 -18.59 9.60 -1.72
C ARG B 26 -19.14 8.23 -1.36
N GLU B 27 -20.32 7.91 -1.89
CA GLU B 27 -20.98 6.65 -1.61
C GLU B 27 -20.14 5.47 -2.07
N GLU B 28 -19.57 5.60 -3.26
CA GLU B 28 -18.75 4.52 -3.80
C GLU B 28 -17.51 4.33 -2.93
N SER B 29 -16.93 5.44 -2.45
CA SER B 29 -15.75 5.33 -1.60
C SER B 29 -16.06 4.62 -0.30
N GLN B 30 -17.25 4.86 0.26
CA GLN B 30 -17.62 4.16 1.49
C GLN B 30 -17.86 2.67 1.22
N ARG B 31 -18.44 2.34 0.08
CA ARG B 31 -18.63 0.95 -0.31
C ARG B 31 -17.29 0.21 -0.44
N LEU B 32 -16.35 0.83 -1.16
CA LEU B 32 -15.02 0.24 -1.38
C LEU B 32 -14.27 -0.02 -0.07
N ILE B 33 -14.20 0.99 0.79
CA ILE B 33 -13.53 0.85 2.09
C ILE B 33 -14.20 -0.19 2.99
N GLY B 34 -15.53 -0.22 2.97
CA GLY B 34 -16.27 -1.20 3.76
C GLY B 34 -15.88 -2.61 3.33
N GLN B 35 -15.67 -2.78 2.02
CA GLN B 35 -15.28 -4.06 1.48
C GLN B 35 -13.93 -4.54 1.99
N GLN B 36 -13.07 -3.61 2.43
CA GLN B 36 -11.74 -3.99 2.87
C GLN B 36 -11.69 -4.33 4.37
N GLY B 37 -12.83 -4.19 5.06
CA GLY B 37 -12.96 -4.65 6.43
C GLY B 37 -13.33 -3.63 7.50
N LEU B 38 -13.46 -2.36 7.12
CA LEU B 38 -13.80 -1.30 8.08
C LEU B 38 -12.95 -1.25 9.36
N VAL B 39 -11.66 -1.52 9.22
CA VAL B 39 -10.70 -1.38 10.31
C VAL B 39 -10.12 0.04 10.28
N ASP B 40 -9.71 0.56 11.43
CA ASP B 40 -9.08 1.87 11.49
C ASP B 40 -7.90 1.98 10.52
N GLY B 41 -7.82 3.10 9.80
CA GLY B 41 -6.66 3.38 8.97
C GLY B 41 -6.72 2.98 7.50
N LEU B 42 -7.75 2.22 7.12
CA LEU B 42 -8.00 1.95 5.71
C LEU B 42 -8.33 3.30 5.04
N PHE B 43 -7.81 3.53 3.84
CA PHE B 43 -8.09 4.82 3.19
C PHE B 43 -7.98 4.74 1.68
N LEU B 44 -8.50 5.77 1.03
CA LEU B 44 -8.20 6.02 -0.38
C LEU B 44 -8.25 7.54 -0.58
N VAL B 45 -7.72 7.99 -1.70
CA VAL B 45 -7.83 9.39 -2.06
C VAL B 45 -8.56 9.47 -3.39
N ARG B 46 -9.42 10.47 -3.54
CA ARG B 46 -10.21 10.59 -4.77
C ARG B 46 -10.23 12.06 -5.18
N GLU B 47 -10.57 12.31 -6.44
CA GLU B 47 -10.66 13.69 -6.93
C GLU B 47 -12.05 14.30 -6.77
N SER B 48 -12.07 15.57 -6.38
CA SER B 48 -13.29 16.38 -6.49
C SER B 48 -13.07 17.31 -7.67
N GLN B 49 -13.90 17.19 -8.71
CA GLN B 49 -13.67 18.00 -9.89
C GLN B 49 -13.95 19.48 -9.63
N ARG B 50 -14.91 19.76 -8.77
CA ARG B 50 -15.36 21.14 -8.57
C ARG B 50 -16.13 21.29 -7.27
N ASN B 51 -16.15 22.51 -6.75
CA ASN B 51 -17.03 22.85 -5.64
C ASN B 51 -16.86 21.99 -4.39
N PRO B 52 -15.66 21.97 -3.80
CA PRO B 52 -14.41 22.59 -4.20
C PRO B 52 -13.59 21.73 -5.15
N GLN B 53 -12.72 22.38 -5.91
CA GLN B 53 -11.78 21.65 -6.74
C GLN B 53 -10.64 21.18 -5.83
N GLY B 54 -10.31 19.90 -5.90
CA GLY B 54 -9.33 19.35 -4.97
C GLY B 54 -9.37 17.83 -4.90
N PHE B 55 -8.97 17.32 -3.75
CA PHE B 55 -9.03 15.89 -3.48
C PHE B 55 -9.70 15.62 -2.14
N VAL B 56 -10.11 14.38 -1.94
CA VAL B 56 -10.74 13.97 -0.70
C VAL B 56 -10.02 12.73 -0.19
N LEU B 57 -9.60 12.79 1.06
CA LEU B 57 -9.07 11.61 1.73
C LEU B 57 -10.23 10.94 2.47
N SER B 58 -10.56 9.73 2.05
CA SER B 58 -11.63 8.94 2.67
C SER B 58 -11.01 7.84 3.51
N LEU B 59 -11.29 7.90 4.80
CA LEU B 59 -10.55 7.16 5.82
C LEU B 59 -11.50 6.46 6.78
N CYS B 60 -11.17 5.22 7.15
CA CYS B 60 -12.01 4.52 8.12
C CYS B 60 -11.52 4.77 9.54
N HIS B 61 -12.44 5.16 10.42
CA HIS B 61 -12.15 5.36 11.82
C HIS B 61 -13.38 5.01 12.64
N LEU B 62 -13.21 4.16 13.65
CA LEU B 62 -14.32 3.72 14.48
C LEU B 62 -15.45 3.16 13.60
N GLN B 63 -15.06 2.37 12.61
CA GLN B 63 -15.99 1.66 11.75
C GLN B 63 -16.90 2.61 10.96
N LYS B 64 -16.41 3.82 10.74
CA LYS B 64 -17.10 4.82 9.91
C LYS B 64 -16.14 5.44 8.90
N VAL B 65 -16.58 5.61 7.66
CA VAL B 65 -15.73 6.28 6.68
C VAL B 65 -15.91 7.79 6.80
N LYS B 66 -14.79 8.49 6.96
CA LYS B 66 -14.79 9.93 7.18
C LYS B 66 -14.02 10.61 6.05
N HIS B 67 -14.43 11.83 5.69
CA HIS B 67 -13.92 12.44 4.46
C HIS B 67 -13.28 13.80 4.70
N TYR B 68 -12.00 13.93 4.33
CA TYR B 68 -11.21 15.13 4.61
C TYR B 68 -10.75 15.81 3.32
N LEU B 69 -11.05 17.09 3.19
CA LEU B 69 -10.65 17.82 1.97
C LEU B 69 -9.16 18.08 1.93
N ILE B 70 -8.60 17.88 0.74
CA ILE B 70 -7.21 18.24 0.44
C ILE B 70 -7.27 19.30 -0.64
N LEU B 71 -6.81 20.51 -0.30
CA LEU B 71 -7.06 21.66 -1.16
C LEU B 71 -5.77 22.26 -1.69
N PRO B 72 -5.80 22.75 -2.93
CA PRO B 72 -4.65 23.38 -3.55
C PRO B 72 -4.49 24.85 -3.15
N SER B 73 -3.25 25.30 -3.04
CA SER B 73 -3.00 26.73 -2.95
C SER B 73 -1.95 27.03 -3.98
N GLU B 74 -1.95 28.25 -4.50
CA GLU B 74 -0.96 28.58 -5.50
C GLU B 74 -0.10 29.69 -4.96
N GLU B 75 1.19 29.46 -4.93
CA GLU B 75 2.16 30.45 -4.51
C GLU B 75 3.35 30.46 -5.45
N GLU B 76 3.60 31.61 -6.06
CA GLU B 76 4.77 31.75 -6.94
C GLU B 76 4.79 30.76 -8.10
N GLY B 77 3.63 30.55 -8.73
CA GLY B 77 3.53 29.66 -9.87
C GLY B 77 3.62 28.18 -9.55
N ARG B 78 3.64 27.83 -8.27
CA ARG B 78 3.61 26.44 -7.80
C ARG B 78 2.36 26.09 -6.98
N LEU B 79 1.94 24.83 -7.04
CA LEU B 79 0.82 24.39 -6.23
C LEU B 79 1.32 23.70 -4.95
N TYR B 80 0.62 23.91 -3.84
CA TYR B 80 0.88 23.14 -2.63
C TYR B 80 -0.48 22.62 -2.16
N PHE B 81 -0.46 21.55 -1.37
CA PHE B 81 -1.70 20.93 -0.94
C PHE B 81 -1.77 20.81 0.57
N SER B 82 -2.96 21.04 1.12
CA SER B 82 -3.09 21.11 2.57
C SER B 82 -4.52 20.79 2.99
N MET B 83 -4.66 20.15 4.15
CA MET B 83 -5.99 19.90 4.72
C MET B 83 -6.33 20.90 5.81
N ASP B 84 -5.35 21.66 6.28
CA ASP B 84 -5.58 22.53 7.43
C ASP B 84 -5.27 24.00 7.14
N ASP B 85 -5.67 24.43 5.95
CA ASP B 85 -5.62 25.83 5.55
C ASP B 85 -4.18 26.35 5.52
N GLY B 86 -3.25 25.47 5.16
CA GLY B 86 -1.87 25.88 4.95
C GLY B 86 -0.97 25.84 6.17
N GLN B 87 -1.47 25.37 7.30
CA GLN B 87 -0.62 25.17 8.48
C GLN B 87 0.39 24.04 8.22
N THR B 88 -0.04 23.01 7.52
CA THR B 88 0.83 21.91 7.10
C THR B 88 0.69 21.73 5.60
N ARG B 89 1.78 21.86 4.84
CA ARG B 89 1.65 21.79 3.38
C ARG B 89 2.55 20.74 2.75
N PHE B 90 2.10 20.23 1.61
CA PHE B 90 2.76 19.12 0.93
C PHE B 90 2.87 19.36 -0.56
N THR B 91 3.96 18.88 -1.16
CA THR B 91 4.18 19.07 -2.59
C THR B 91 3.19 18.22 -3.43
N ASP B 92 2.77 17.07 -2.90
CA ASP B 92 1.85 16.18 -3.60
C ASP B 92 1.13 15.27 -2.62
N LEU B 93 0.27 14.41 -3.15
CA LEU B 93 -0.54 13.54 -2.31
C LEU B 93 0.34 12.48 -1.65
N LEU B 94 1.38 12.03 -2.35
CA LEU B 94 2.32 11.06 -1.78
C LEU B 94 2.95 11.58 -0.49
N GLN B 95 3.43 12.82 -0.50
CA GLN B 95 4.08 13.36 0.70
C GLN B 95 3.08 13.49 1.86
N LEU B 96 1.86 13.90 1.53
CA LEU B 96 0.80 14.03 2.53
C LEU B 96 0.52 12.66 3.16
N VAL B 97 0.35 11.64 2.34
CA VAL B 97 0.04 10.30 2.86
C VAL B 97 1.19 9.77 3.73
N GLU B 98 2.42 9.93 3.28
CA GLU B 98 3.57 9.45 4.06
C GLU B 98 3.63 10.14 5.43
N PHE B 99 3.32 11.44 5.45
CA PHE B 99 3.34 12.16 6.72
C PHE B 99 2.29 11.59 7.68
N HIS B 100 1.12 11.28 7.15
CA HIS B 100 0.01 10.83 7.99
C HIS B 100 0.03 9.34 8.27
N GLN B 101 1.04 8.64 7.76
CA GLN B 101 1.27 7.27 8.19
C GLN B 101 1.90 7.24 9.60
N LEU B 102 2.49 8.34 10.04
CA LEU B 102 3.04 8.37 11.40
C LEU B 102 2.64 9.59 12.25
N ASN B 103 1.99 10.59 11.64
CA ASN B 103 1.51 11.77 12.36
C ASN B 103 0.01 11.94 12.13
N ARG B 104 -0.76 12.09 13.21
CA ARG B 104 -2.20 12.24 13.03
C ARG B 104 -2.60 13.60 12.45
N GLY B 105 -1.94 14.66 12.90
CA GLY B 105 -2.32 16.00 12.50
C GLY B 105 -3.79 16.17 12.83
N ILE B 106 -4.58 16.68 11.89
CA ILE B 106 -6.02 16.85 12.12
C ILE B 106 -6.84 15.56 11.97
N LEU B 107 -6.19 14.46 11.58
CA LEU B 107 -6.91 13.20 11.40
C LEU B 107 -7.08 12.47 12.74
N PRO B 108 -8.14 11.65 12.86
CA PRO B 108 -8.41 10.92 14.10
C PRO B 108 -7.55 9.67 14.30
N CYS B 109 -6.83 9.24 13.27
CA CYS B 109 -5.97 8.07 13.37
C CYS B 109 -4.96 8.04 12.23
N LEU B 110 -3.96 7.16 12.34
CA LEU B 110 -2.95 7.05 11.30
C LEU B 110 -3.45 6.30 10.07
N LEU B 111 -2.90 6.65 8.90
CA LEU B 111 -3.10 5.89 7.66
C LEU B 111 -2.22 4.64 7.58
N ARG B 112 -2.76 3.56 7.02
CA ARG B 112 -1.99 2.33 6.85
C ARG B 112 -1.03 2.41 5.65
N HIS B 113 0.05 1.62 5.69
CA HIS B 113 1.07 1.57 4.63
C HIS B 113 0.73 0.56 3.53
N CYS B 114 1.14 0.87 2.29
CA CYS B 114 1.08 -0.09 1.20
C CYS B 114 2.50 -0.47 0.74
N CYS B 115 3.46 0.42 1.01
CA CYS B 115 4.87 0.05 1.08
C CYS B 115 5.67 -0.08 -0.25
N THR B 116 4.98 -0.09 -1.39
CA THR B 116 5.65 -0.28 -2.70
C THR B 116 5.56 0.94 -3.63
N ARG B 117 6.31 0.89 -4.73
CA ARG B 117 6.26 1.94 -5.75
C ARG B 117 4.89 2.04 -6.45
N VAL B 118 4.11 0.96 -6.46
CA VAL B 118 2.76 1.00 -7.06
C VAL B 118 1.73 1.56 -6.08
N ALA B 119 1.96 1.37 -4.79
CA ALA B 119 1.12 1.98 -3.77
C ALA B 119 1.89 2.23 -2.48
N LEU B 120 2.01 3.51 -2.12
CA LEU B 120 2.69 3.94 -0.90
C LEU B 120 1.95 3.50 0.37
C1 MLA C . 9.20 -20.35 7.73
O1A MLA C . 10.06 -19.50 8.09
O1B MLA C . 7.97 -20.08 7.78
C2 MLA C . 9.65 -21.70 7.23
C3 MLA C . 8.69 -22.77 7.72
O3A MLA C . 8.18 -23.59 6.89
O3B MLA C . 8.40 -22.87 8.94
HC21 MLA C . 9.67 -21.70 6.25
HC22 MLA C . 10.55 -21.88 7.57
#